data_7UMD
#
_entry.id   7UMD
#
_entity_poly.entity_id   1
_entity_poly.type   'polyribonucleotide'
_entity_poly.pdbx_seq_one_letter_code
;GGACGUGGACCGACUUCGGUCGGAAGGAAACUUAACGUCC
;
_entity_poly.pdbx_strand_id   A
#